data_2QA0
#
_entry.id   2QA0
#
_cell.length_a   254.840
_cell.length_b   254.840
_cell.length_c   445.430
_cell.angle_alpha   90.00
_cell.angle_beta   90.00
_cell.angle_gamma   120.00
#
_symmetry.space_group_name_H-M   'P 63 2 2'
#
loop_
_entity.id
_entity.type
_entity.pdbx_description
1 polymer 'Capsid protein'
2 non-polymer 'SODIUM ION'
3 water water
#
_entity_poly.entity_id   1
_entity_poly.type   'polypeptide(L)'
_entity_poly.pdbx_seq_one_letter_code
;DGVGSSSGNWHCDSTWLGDRVITTSTRTWALPTYNNHLYKQISNGTSGGATNDNTYFGYSTPWGYFDFNRFHCHFSPRDW
QRLINNNWGFRPKRLSFKLFNIQVKEVTQNEGTKTIANNLTSTIQVFTDSEYQLPYVLGSAHQGCLPPFPADVFMIPQYG
YLTLNNGSQAVGRSSFYCLEYFPSQMLRTGNNFQFTYTFEDVPFHSSYAHSQSLDRLMNPLIDQYLYYLSRTQTTGGTAN
TQTLGFSQGGPNTMANQAKNWLPGPCYRQQRVSTTTGQNNNSNFAWTAGTKYHLNGRNSLANPGIAMATHKDDEERFFPS
NGILIFGKQNAARDNADYSDVMLTSEEEIKTTNPVATEEYGIVADNLQQQNTAPQIGTVNSQGALPGMVWQNRDVYLQGP
IWAKIPHTDGNFHPSPLMGGFGLKHPPPQILIKNTPVPADPPTTFNQSKLNSFITQYSTGQVSVEIEWELQKENSKRWNP
EIQYTSNYYKSTSVDFAVNTEGVYSEPRPIGTRYLTRNL
;
_entity_poly.pdbx_strand_id   A
#
loop_
_chem_comp.id
_chem_comp.type
_chem_comp.name
_chem_comp.formula
NA non-polymer 'SODIUM ION' 'Na 1'
#
# COMPACT_ATOMS: atom_id res chain seq x y z
N ASP A 1 -0.76 14.97 36.94
CA ASP A 1 -1.24 15.57 35.66
C ASP A 1 -1.60 17.04 35.84
N GLY A 2 -0.66 17.94 35.58
CA GLY A 2 -0.95 19.35 35.75
C GLY A 2 -0.59 20.21 34.55
N VAL A 3 -0.98 21.48 34.62
CA VAL A 3 -0.69 22.41 33.55
C VAL A 3 0.81 22.55 33.34
N GLY A 4 1.56 22.61 34.44
CA GLY A 4 3.00 22.75 34.34
C GLY A 4 3.82 21.48 34.27
N SER A 5 3.18 20.33 34.02
CA SER A 5 3.94 19.10 33.92
C SER A 5 3.77 18.36 32.63
N SER A 6 4.89 18.01 32.02
CA SER A 6 4.90 17.27 30.78
C SER A 6 4.20 15.94 31.08
N SER A 7 3.47 15.39 30.12
CA SER A 7 2.79 14.11 30.32
C SER A 7 3.42 13.01 29.48
N GLY A 8 4.64 13.25 29.00
CA GLY A 8 5.32 12.25 28.21
C GLY A 8 6.62 12.79 27.63
N ASN A 9 7.54 11.88 27.29
CA ASN A 9 8.80 12.31 26.71
C ASN A 9 8.90 11.94 25.25
N TRP A 10 9.95 12.43 24.60
CA TRP A 10 10.17 12.17 23.20
C TRP A 10 10.90 10.84 23.04
N HIS A 11 10.21 9.85 22.49
CA HIS A 11 10.79 8.54 22.29
C HIS A 11 10.92 8.29 20.79
N CYS A 12 12.12 8.35 20.31
CA CYS A 12 12.42 8.12 18.90
C CYS A 12 13.71 7.34 18.87
N ASP A 13 13.63 6.10 18.43
CA ASP A 13 14.78 5.24 18.46
C ASP A 13 14.50 3.91 17.81
N SER A 14 15.52 3.07 17.77
CA SER A 14 15.43 1.74 17.19
C SER A 14 16.45 0.88 17.93
N THR A 15 16.05 -0.35 18.27
CA THR A 15 16.99 -1.24 18.94
C THR A 15 16.85 -2.61 18.28
N TRP A 16 17.99 -3.22 17.98
CA TRP A 16 18.01 -4.52 17.36
C TRP A 16 18.45 -5.53 18.41
N LEU A 17 17.67 -6.58 18.61
CA LEU A 17 17.98 -7.55 19.65
C LEU A 17 18.26 -8.98 19.25
N GLY A 18 18.07 -9.31 17.98
CA GLY A 18 18.34 -10.67 17.59
C GLY A 18 17.37 -10.97 16.51
N ASP A 19 16.29 -11.64 16.87
CA ASP A 19 15.29 -11.94 15.88
C ASP A 19 14.19 -10.90 16.04
N ARG A 20 14.51 -9.79 16.69
CA ARG A 20 13.54 -8.70 16.87
C ARG A 20 14.22 -7.36 16.64
N VAL A 21 13.40 -6.38 16.29
CA VAL A 21 13.84 -5.00 16.11
C VAL A 21 12.65 -4.17 16.60
N ILE A 22 12.92 -3.21 17.47
CA ILE A 22 11.86 -2.39 17.97
C ILE A 22 12.04 -0.97 17.49
N THR A 23 11.04 -0.45 16.79
CA THR A 23 11.10 0.91 16.29
C THR A 23 10.24 1.78 17.18
N THR A 24 10.65 3.03 17.33
CA THR A 24 9.91 3.96 18.14
C THR A 24 10.02 5.33 17.52
N SER A 25 8.88 5.96 17.25
CA SER A 25 8.94 7.28 16.69
C SER A 25 7.88 8.19 17.29
N THR A 26 8.29 9.44 17.49
CA THR A 26 7.44 10.47 18.04
C THR A 26 7.38 11.61 17.04
N ARG A 27 6.25 12.30 16.98
CA ARG A 27 6.07 13.42 16.06
C ARG A 27 5.20 14.45 16.75
N THR A 28 5.26 15.68 16.27
CA THR A 28 4.44 16.76 16.80
C THR A 28 3.32 16.93 15.78
N TRP A 29 2.08 17.02 16.26
CA TRP A 29 0.95 17.16 15.36
C TRP A 29 0.10 18.39 15.64
N ALA A 30 -0.76 18.72 14.69
CA ALA A 30 -1.66 19.85 14.83
C ALA A 30 -3.04 19.39 14.33
N LEU A 31 -4.08 19.75 15.07
CA LEU A 31 -5.44 19.37 14.72
C LEU A 31 -6.35 20.59 14.71
N PRO A 32 -6.91 20.92 13.54
CA PRO A 32 -7.81 22.07 13.44
C PRO A 32 -9.22 21.60 13.74
N THR A 33 -10.17 22.52 13.65
CA THR A 33 -11.56 22.18 13.83
C THR A 33 -11.98 21.79 12.40
N TYR A 34 -12.57 20.61 12.24
CA TYR A 34 -13.00 20.17 10.92
C TYR A 34 -14.49 20.31 10.75
N ASN A 35 -14.93 20.61 9.52
CA ASN A 35 -16.35 20.72 9.22
C ASN A 35 -17.12 21.69 10.11
N ASN A 36 -16.43 22.63 10.74
CA ASN A 36 -17.12 23.58 11.62
C ASN A 36 -17.84 22.81 12.72
N HIS A 37 -17.22 21.74 13.22
CA HIS A 37 -17.80 20.90 14.28
C HIS A 37 -18.98 20.08 13.79
N LEU A 38 -19.25 20.10 12.49
CA LEU A 38 -20.40 19.39 11.94
C LEU A 38 -20.15 18.14 11.16
N TYR A 39 -21.24 17.38 10.99
CA TYR A 39 -21.23 16.18 10.19
C TYR A 39 -21.93 16.62 8.93
N LYS A 40 -21.37 16.28 7.75
CA LYS A 40 -22.04 16.72 6.53
C LYS A 40 -22.19 15.60 5.53
N GLN A 41 -23.39 15.52 4.95
CA GLN A 41 -23.66 14.53 3.92
C GLN A 41 -22.92 15.04 2.69
N ILE A 42 -22.10 14.19 2.09
CA ILE A 42 -21.36 14.58 0.89
C ILE A 42 -21.74 13.56 -0.17
N SER A 43 -21.85 14.04 -1.40
CA SER A 43 -22.29 13.20 -2.49
C SER A 43 -21.71 13.68 -3.82
N ASN A 44 -21.71 12.81 -4.81
CA ASN A 44 -21.22 13.14 -6.14
C ASN A 44 -21.96 12.24 -7.10
N GLY A 45 -22.78 12.84 -7.95
CA GLY A 45 -23.56 12.06 -8.89
C GLY A 45 -23.04 12.11 -10.31
N THR A 46 -23.94 11.88 -11.26
CA THR A 46 -23.58 11.87 -12.66
C THR A 46 -23.91 13.15 -13.44
N SER A 47 -24.21 14.23 -12.71
CA SER A 47 -24.51 15.51 -13.36
C SER A 47 -23.23 16.16 -13.86
N GLY A 48 -23.37 17.34 -14.45
CA GLY A 48 -22.21 18.03 -15.00
C GLY A 48 -21.45 17.06 -15.88
N GLY A 49 -20.15 16.93 -15.63
CA GLY A 49 -19.33 16.01 -16.40
C GLY A 49 -18.92 14.78 -15.61
N ALA A 50 -19.26 14.75 -14.31
CA ALA A 50 -18.92 13.61 -13.45
C ALA A 50 -19.44 12.28 -13.99
N THR A 51 -18.52 11.37 -14.31
CA THR A 51 -18.86 10.06 -14.84
C THR A 51 -19.47 9.16 -13.77
N ASN A 52 -20.18 8.12 -14.21
CA ASN A 52 -20.81 7.16 -13.31
C ASN A 52 -19.80 6.35 -12.51
N ASP A 53 -18.64 6.10 -13.08
CA ASP A 53 -17.60 5.34 -12.40
C ASP A 53 -17.11 6.02 -11.13
N ASN A 54 -17.43 7.31 -10.97
CA ASN A 54 -16.97 8.06 -9.81
C ASN A 54 -18.06 8.54 -8.85
N THR A 55 -19.27 8.04 -8.98
CA THR A 55 -20.34 8.46 -8.09
C THR A 55 -20.09 7.97 -6.67
N TYR A 56 -20.71 8.63 -5.68
CA TYR A 56 -20.54 8.21 -4.30
C TYR A 56 -21.45 8.96 -3.34
N PHE A 57 -21.65 8.35 -2.17
CA PHE A 57 -22.46 8.93 -1.11
C PHE A 57 -21.79 8.60 0.22
N GLY A 58 -21.65 9.60 1.07
CA GLY A 58 -21.03 9.36 2.36
C GLY A 58 -21.14 10.56 3.27
N TYR A 59 -20.24 10.65 4.24
CA TYR A 59 -20.26 11.76 5.17
C TYR A 59 -18.84 12.17 5.55
N SER A 60 -18.70 13.46 5.80
CA SER A 60 -17.50 14.04 6.32
C SER A 60 -17.79 14.28 7.79
N THR A 61 -16.83 14.02 8.68
CA THR A 61 -17.05 14.21 10.11
C THR A 61 -16.10 15.24 10.70
N PRO A 62 -16.46 15.74 11.90
CA PRO A 62 -15.68 16.76 12.60
C PRO A 62 -14.43 16.15 13.23
N TRP A 63 -14.21 14.85 13.02
CA TRP A 63 -13.08 14.15 13.61
C TRP A 63 -11.85 13.98 12.73
N GLY A 64 -10.71 13.84 13.40
CA GLY A 64 -9.45 13.61 12.73
C GLY A 64 -9.05 12.19 13.11
N TYR A 65 -7.93 11.70 12.59
CA TYR A 65 -7.50 10.36 12.94
C TYR A 65 -6.00 10.18 12.76
N PHE A 66 -5.41 9.29 13.55
CA PHE A 66 -3.98 9.06 13.44
C PHE A 66 -3.73 7.89 12.51
N ASP A 67 -2.69 8.03 11.71
CA ASP A 67 -2.33 7.01 10.74
C ASP A 67 -0.81 6.90 10.69
N PHE A 68 -0.31 5.68 10.80
CA PHE A 68 1.12 5.43 10.71
C PHE A 68 1.32 4.19 9.86
N ASN A 69 0.44 3.92 8.92
CA ASN A 69 0.45 2.76 7.98
C ASN A 69 1.37 3.12 6.80
N ARG A 70 2.64 3.19 7.02
CA ARG A 70 3.60 3.58 6.05
C ARG A 70 4.90 3.21 6.73
N PHE A 71 5.70 2.35 6.13
CA PHE A 71 6.94 1.95 6.78
C PHE A 71 7.87 3.08 7.24
N HIS A 72 7.99 4.16 6.48
CA HIS A 72 8.91 5.21 6.90
C HIS A 72 8.45 5.95 8.16
N CYS A 73 7.29 5.58 8.67
CA CYS A 73 6.78 6.19 9.89
C CYS A 73 7.53 5.55 11.06
N HIS A 74 8.17 4.42 10.78
CA HIS A 74 8.86 3.67 11.81
C HIS A 74 10.34 3.41 11.55
N PHE A 75 10.69 3.16 10.29
CA PHE A 75 12.09 2.91 9.97
C PHE A 75 12.78 4.09 9.32
N SER A 76 13.97 4.41 9.80
CA SER A 76 14.73 5.49 9.20
C SER A 76 15.33 4.84 7.96
N PRO A 77 15.88 5.63 7.04
CA PRO A 77 16.46 5.02 5.84
C PRO A 77 17.53 4.00 6.19
N ARG A 78 18.41 4.35 7.11
CA ARG A 78 19.48 3.45 7.51
C ARG A 78 18.92 2.17 8.12
N ASP A 79 17.89 2.29 8.96
CA ASP A 79 17.30 1.12 9.57
C ASP A 79 16.67 0.23 8.53
N TRP A 80 16.04 0.83 7.54
CA TRP A 80 15.40 0.08 6.47
C TRP A 80 16.50 -0.70 5.76
N GLN A 81 17.66 -0.06 5.60
CA GLN A 81 18.77 -0.72 4.93
C GLN A 81 19.28 -1.90 5.76
N ARG A 82 19.34 -1.71 7.08
CA ARG A 82 19.80 -2.78 7.98
C ARG A 82 18.86 -3.97 7.87
N LEU A 83 17.57 -3.67 7.74
CA LEU A 83 16.54 -4.69 7.62
C LEU A 83 16.63 -5.48 6.33
N ILE A 84 16.53 -4.79 5.19
CA ILE A 84 16.54 -5.45 3.88
C ILE A 84 17.84 -6.08 3.42
N ASN A 85 18.98 -5.64 3.94
CA ASN A 85 20.24 -6.23 3.53
C ASN A 85 20.61 -7.48 4.31
N ASN A 86 19.89 -7.78 5.37
CA ASN A 86 20.27 -8.92 6.19
C ASN A 86 19.19 -9.91 6.59
N ASN A 87 17.95 -9.67 6.21
CA ASN A 87 16.90 -10.58 6.62
C ASN A 87 16.05 -11.09 5.48
N TRP A 88 15.75 -12.38 5.51
CA TRP A 88 14.90 -12.97 4.49
C TRP A 88 13.45 -12.58 4.71
N GLY A 89 13.14 -12.06 5.89
CA GLY A 89 11.77 -11.66 6.17
C GLY A 89 11.59 -10.94 7.47
N PHE A 90 10.38 -10.44 7.71
CA PHE A 90 10.07 -9.73 8.93
C PHE A 90 8.56 -9.55 9.02
N ARG A 91 8.06 -9.19 10.20
CA ARG A 91 6.63 -8.98 10.37
C ARG A 91 6.34 -8.28 11.68
N PRO A 92 5.21 -7.56 11.75
CA PRO A 92 4.80 -6.83 12.95
C PRO A 92 4.31 -7.79 14.04
N LYS A 93 4.66 -7.50 15.30
CA LYS A 93 4.25 -8.35 16.42
C LYS A 93 3.31 -7.65 17.39
N ARG A 94 3.69 -6.46 17.83
CA ARG A 94 2.85 -5.70 18.77
C ARG A 94 3.22 -4.22 18.73
N LEU A 95 2.35 -3.36 19.26
CA LEU A 95 2.63 -1.93 19.28
C LEU A 95 2.06 -1.21 20.48
N SER A 96 2.62 -0.03 20.75
CA SER A 96 2.17 0.82 21.85
C SER A 96 1.95 2.15 21.20
N PHE A 97 0.88 2.84 21.59
CA PHE A 97 0.58 4.13 21.03
C PHE A 97 0.36 5.11 22.17
N LYS A 98 0.79 6.36 21.99
CA LYS A 98 0.61 7.33 23.05
C LYS A 98 0.39 8.76 22.54
N LEU A 99 -0.49 9.49 23.22
CA LEU A 99 -0.80 10.89 22.92
C LEU A 99 -0.49 11.66 24.17
N PHE A 100 0.31 12.71 24.09
CA PHE A 100 0.67 13.47 25.28
C PHE A 100 1.09 14.90 24.98
N ASN A 101 1.40 15.65 26.05
CA ASN A 101 1.80 17.04 25.95
C ASN A 101 0.83 17.79 25.05
N ILE A 102 -0.45 17.59 25.36
CA ILE A 102 -1.53 18.19 24.63
C ILE A 102 -1.76 19.63 25.03
N GLN A 103 -1.96 20.49 24.04
CA GLN A 103 -2.24 21.88 24.30
C GLN A 103 -3.29 22.41 23.35
N VAL A 104 -4.34 22.99 23.91
CA VAL A 104 -5.42 23.55 23.11
C VAL A 104 -5.28 25.05 23.09
N LYS A 105 -5.22 25.60 21.88
CA LYS A 105 -5.07 27.04 21.74
C LYS A 105 -6.26 27.66 21.07
N GLU A 106 -6.61 28.87 21.50
CA GLU A 106 -7.73 29.58 20.92
C GLU A 106 -7.20 30.85 20.26
N VAL A 107 -7.74 31.16 19.08
CA VAL A 107 -7.30 32.35 18.36
C VAL A 107 -8.38 33.43 18.28
N THR A 108 -8.00 34.65 18.69
CA THR A 108 -8.86 35.82 18.70
C THR A 108 -8.53 36.65 17.45
N GLN A 109 -9.57 37.00 16.73
CA GLN A 109 -9.43 37.79 15.50
C GLN A 109 -10.08 39.16 15.58
N ASN A 110 -9.32 40.21 15.95
CA ASN A 110 -10.00 41.54 15.96
C ASN A 110 -9.14 42.63 15.26
N GLU A 111 -9.73 43.31 14.27
CA GLU A 111 -9.10 44.35 13.38
C GLU A 111 -7.77 43.95 12.72
N GLY A 112 -7.78 42.89 11.94
CA GLY A 112 -6.61 42.46 11.20
C GLY A 112 -5.60 41.87 12.18
N THR A 113 -5.72 42.29 13.45
CA THR A 113 -4.87 41.83 14.53
C THR A 113 -5.27 40.43 14.98
N LYS A 114 -4.34 39.48 14.91
CA LYS A 114 -4.58 38.09 15.31
C LYS A 114 -3.71 37.66 16.49
N THR A 115 -4.35 37.14 17.54
CA THR A 115 -3.59 36.67 18.70
C THR A 115 -4.01 35.25 19.09
N ILE A 116 -3.03 34.45 19.49
CA ILE A 116 -3.26 33.07 19.87
C ILE A 116 -2.87 32.88 21.32
N ALA A 117 -3.72 32.21 22.09
CA ALA A 117 -3.41 31.97 23.49
C ALA A 117 -3.92 30.60 23.93
N ASN A 118 -3.44 30.15 25.07
CA ASN A 118 -3.87 28.86 25.58
C ASN A 118 -5.28 28.93 26.16
N ASN A 119 -5.93 27.79 26.11
CA ASN A 119 -7.25 27.64 26.71
C ASN A 119 -7.15 26.47 27.64
N LEU A 120 -6.41 26.74 28.69
CA LEU A 120 -6.05 25.75 29.68
C LEU A 120 -7.15 24.76 30.06
N THR A 121 -8.43 25.14 29.93
CA THR A 121 -9.49 24.22 30.37
C THR A 121 -10.19 23.47 29.23
N SER A 122 -9.74 23.62 27.99
CA SER A 122 -10.37 22.91 26.87
C SER A 122 -9.90 21.46 26.77
N THR A 123 -10.68 20.62 26.10
CA THR A 123 -10.33 19.23 25.94
C THR A 123 -10.35 18.74 24.51
N ILE A 124 -9.61 17.66 24.24
CA ILE A 124 -9.64 16.97 22.98
C ILE A 124 -10.28 15.66 23.33
N GLN A 125 -10.84 14.95 22.35
CA GLN A 125 -11.44 13.65 22.64
C GLN A 125 -10.72 12.60 21.80
N VAL A 126 -10.45 11.44 22.40
CA VAL A 126 -9.76 10.38 21.68
C VAL A 126 -10.36 9.03 21.98
N PHE A 127 -10.36 8.16 20.99
CA PHE A 127 -10.86 6.82 21.19
C PHE A 127 -10.41 5.92 20.06
N THR A 128 -10.38 4.63 20.33
CA THR A 128 -9.99 3.65 19.32
C THR A 128 -11.22 2.84 18.92
N ASP A 129 -11.33 2.54 17.64
CA ASP A 129 -12.43 1.76 17.10
C ASP A 129 -12.01 0.30 17.30
N SER A 130 -11.80 -0.08 18.56
CA SER A 130 -11.35 -1.42 18.92
C SER A 130 -12.28 -2.56 18.54
N GLU A 131 -13.53 -2.27 18.24
CA GLU A 131 -14.44 -3.34 17.84
C GLU A 131 -14.78 -3.25 16.38
N TYR A 132 -14.01 -2.44 15.65
CA TYR A 132 -14.18 -2.24 14.21
C TYR A 132 -15.64 -2.02 13.85
N GLN A 133 -16.21 -0.96 14.41
CA GLN A 133 -17.60 -0.64 14.15
C GLN A 133 -17.76 0.50 13.16
N LEU A 134 -16.67 1.21 12.90
CA LEU A 134 -16.68 2.33 11.94
C LEU A 134 -16.08 1.89 10.62
N PRO A 135 -16.42 2.59 9.53
CA PRO A 135 -15.84 2.19 8.25
C PRO A 135 -14.32 2.34 8.37
N TYR A 136 -13.59 1.28 8.07
CA TYR A 136 -12.14 1.27 8.17
C TYR A 136 -11.52 2.01 6.99
N VAL A 137 -11.15 3.26 7.25
CA VAL A 137 -10.58 4.13 6.25
C VAL A 137 -9.08 4.00 6.03
N LEU A 138 -8.39 3.40 6.99
CA LEU A 138 -6.95 3.18 6.85
C LEU A 138 -6.77 2.14 5.74
N GLY A 139 -5.55 1.94 5.26
CA GLY A 139 -5.36 0.96 4.21
C GLY A 139 -5.92 1.32 2.83
N SER A 140 -5.88 2.61 2.51
CA SER A 140 -6.35 3.11 1.22
C SER A 140 -5.32 4.09 0.68
N ALA A 141 -4.09 3.97 1.18
CA ALA A 141 -2.98 4.81 0.77
C ALA A 141 -3.21 6.31 0.84
N HIS A 142 -3.94 6.78 1.84
CA HIS A 142 -4.18 8.21 1.98
C HIS A 142 -3.02 8.95 2.62
N GLN A 143 -2.95 10.25 2.36
CA GLN A 143 -1.89 11.08 2.93
C GLN A 143 -2.29 11.32 4.38
N GLY A 144 -1.45 12.01 5.13
CA GLY A 144 -1.78 12.28 6.51
C GLY A 144 -1.10 11.40 7.56
N CYS A 145 -0.23 10.50 7.13
CA CYS A 145 0.47 9.63 8.08
C CYS A 145 1.59 10.43 8.75
N LEU A 146 2.16 9.88 9.81
CA LEU A 146 3.25 10.57 10.47
C LEU A 146 4.34 10.72 9.41
N PRO A 147 5.01 11.90 9.37
CA PRO A 147 6.08 12.22 8.42
C PRO A 147 7.29 11.31 8.56
N PRO A 148 8.02 11.07 7.45
CA PRO A 148 9.22 10.23 7.47
C PRO A 148 10.30 10.88 8.34
N PHE A 149 10.39 12.20 8.24
CA PHE A 149 11.38 12.97 8.99
C PHE A 149 10.82 13.39 10.35
N PRO A 150 11.49 12.98 11.44
CA PRO A 150 11.08 13.28 12.81
C PRO A 150 10.85 14.74 13.17
N ALA A 151 11.58 15.65 12.51
CA ALA A 151 11.44 17.07 12.83
C ALA A 151 10.24 17.75 12.18
N ASP A 152 9.59 17.09 11.22
CA ASP A 152 8.44 17.69 10.56
C ASP A 152 7.17 17.64 11.39
N VAL A 153 6.50 18.79 11.52
CA VAL A 153 5.25 18.88 12.25
C VAL A 153 4.16 18.60 11.22
N PHE A 154 3.23 17.71 11.53
CA PHE A 154 2.20 17.40 10.56
C PHE A 154 0.80 17.71 11.01
N MET A 155 -0.09 17.77 10.03
CA MET A 155 -1.50 18.08 10.23
C MET A 155 -2.28 16.76 10.24
N ILE A 156 -3.23 16.65 11.16
CA ILE A 156 -4.03 15.43 11.25
C ILE A 156 -5.15 15.40 10.22
N PRO A 157 -5.25 14.29 9.47
CA PRO A 157 -6.25 14.09 8.42
C PRO A 157 -7.66 14.12 8.98
N GLN A 158 -8.62 14.52 8.16
CA GLN A 158 -10.01 14.55 8.60
C GLN A 158 -10.66 13.21 8.25
N TYR A 159 -11.48 12.69 9.16
CA TYR A 159 -12.14 11.42 8.94
C TYR A 159 -13.45 11.57 8.17
N GLY A 160 -13.59 10.75 7.14
CA GLY A 160 -14.79 10.76 6.32
C GLY A 160 -14.97 9.35 5.84
N TYR A 161 -16.17 8.98 5.41
CA TYR A 161 -16.41 7.61 4.94
C TYR A 161 -17.52 7.54 3.90
N LEU A 162 -17.60 6.39 3.22
CA LEU A 162 -18.60 6.19 2.19
C LEU A 162 -19.49 4.99 2.52
N THR A 163 -20.73 5.02 2.03
CA THR A 163 -21.73 3.93 2.16
C THR A 163 -22.25 3.69 0.77
N LEU A 164 -23.27 2.88 0.68
CA LEU A 164 -23.85 2.61 -0.61
C LEU A 164 -24.49 3.83 -1.23
N ASN A 165 -24.51 3.84 -2.56
CA ASN A 165 -25.12 4.93 -3.29
C ASN A 165 -25.64 4.45 -4.62
N ASN A 166 -26.52 5.23 -5.17
CA ASN A 166 -27.16 5.05 -6.46
C ASN A 166 -27.05 6.42 -7.07
N GLY A 167 -26.02 6.65 -7.87
CA GLY A 167 -25.83 7.96 -8.42
C GLY A 167 -25.38 8.83 -7.26
N SER A 168 -26.05 9.95 -7.04
CA SER A 168 -25.68 10.83 -5.94
C SER A 168 -26.65 10.65 -4.79
N GLN A 169 -27.51 9.65 -4.90
CA GLN A 169 -28.47 9.40 -3.84
C GLN A 169 -28.07 8.23 -2.97
N ALA A 170 -28.61 8.22 -1.76
CA ALA A 170 -28.35 7.14 -0.82
C ALA A 170 -29.41 6.07 -1.11
N VAL A 171 -29.25 4.89 -0.53
CA VAL A 171 -30.22 3.83 -0.71
C VAL A 171 -30.67 3.34 0.66
N GLY A 172 -31.55 2.35 0.69
CA GLY A 172 -32.05 1.85 1.95
C GLY A 172 -30.97 1.35 2.91
N ARG A 173 -29.97 0.66 2.39
CA ARG A 173 -28.91 0.12 3.24
C ARG A 173 -27.84 1.11 3.62
N SER A 174 -27.91 2.33 3.11
CA SER A 174 -26.89 3.30 3.45
C SER A 174 -26.85 3.54 4.96
N SER A 175 -25.64 3.53 5.52
CA SER A 175 -25.46 3.70 6.95
C SER A 175 -24.86 5.05 7.31
N PHE A 176 -25.35 5.62 8.41
CA PHE A 176 -24.84 6.88 8.90
C PHE A 176 -24.20 6.60 10.27
N TYR A 177 -22.97 7.07 10.47
CA TYR A 177 -22.29 6.86 11.73
C TYR A 177 -21.95 8.16 12.44
N CYS A 178 -22.24 8.20 13.73
CA CYS A 178 -21.95 9.35 14.57
C CYS A 178 -20.81 8.93 15.50
N LEU A 179 -19.64 9.55 15.38
CA LEU A 179 -18.52 9.17 16.24
C LEU A 179 -18.71 9.61 17.70
N GLU A 180 -19.65 10.51 17.96
CA GLU A 180 -19.88 10.94 19.34
C GLU A 180 -20.70 9.85 20.04
N TYR A 181 -21.03 8.81 19.33
CA TYR A 181 -21.83 7.76 19.92
C TYR A 181 -21.01 6.77 20.73
N PHE A 182 -19.71 6.85 20.54
CA PHE A 182 -18.70 5.99 21.11
C PHE A 182 -18.11 6.50 22.37
N PRO A 183 -17.75 5.65 23.34
CA PRO A 183 -17.17 6.24 24.54
C PRO A 183 -15.81 6.81 24.10
N SER A 184 -15.41 7.96 24.63
CA SER A 184 -14.11 8.50 24.27
C SER A 184 -13.46 9.18 25.47
N GLN A 185 -12.15 9.15 25.52
CA GLN A 185 -11.42 9.76 26.61
C GLN A 185 -11.27 11.26 26.35
N MET A 186 -11.54 12.06 27.36
CA MET A 186 -11.42 13.50 27.23
C MET A 186 -10.18 13.97 27.97
N LEU A 187 -9.27 14.63 27.26
CA LEU A 187 -8.06 15.11 27.90
C LEU A 187 -7.85 16.61 27.84
N ARG A 188 -7.40 17.17 28.97
CA ARG A 188 -7.07 18.58 29.02
C ARG A 188 -5.55 18.57 28.97
N THR A 189 -4.94 19.76 28.79
CA THR A 189 -3.47 19.83 28.82
C THR A 189 -3.11 19.13 30.13
N GLY A 190 -2.15 18.25 30.14
CA GLY A 190 -1.85 17.61 31.41
C GLY A 190 -2.31 16.15 31.43
N ASN A 191 -3.30 15.83 30.63
CA ASN A 191 -3.79 14.45 30.55
C ASN A 191 -3.09 13.78 29.36
N ASN A 192 -3.03 12.45 29.37
CA ASN A 192 -2.45 11.72 28.24
C ASN A 192 -3.29 10.51 27.89
N PHE A 193 -2.93 9.86 26.79
CA PHE A 193 -3.69 8.72 26.33
C PHE A 193 -2.77 7.65 25.79
N GLN A 194 -3.16 6.39 25.91
CA GLN A 194 -2.33 5.31 25.41
C GLN A 194 -3.02 3.98 25.35
N PHE A 195 -2.53 3.13 24.46
CA PHE A 195 -3.08 1.79 24.34
C PHE A 195 -2.05 0.83 23.76
N THR A 196 -2.37 -0.45 23.92
CA THR A 196 -1.52 -1.52 23.47
C THR A 196 -2.27 -2.37 22.47
N TYR A 197 -1.53 -2.99 21.56
CA TYR A 197 -2.16 -3.82 20.54
C TYR A 197 -1.22 -4.95 20.14
N THR A 198 -1.79 -6.11 19.82
CA THR A 198 -0.99 -7.24 19.40
C THR A 198 -1.43 -7.68 18.02
N PHE A 199 -0.47 -7.81 17.11
CA PHE A 199 -0.78 -8.24 15.76
C PHE A 199 -1.11 -9.72 15.76
N GLU A 200 -2.00 -10.12 14.88
CA GLU A 200 -2.39 -11.51 14.76
C GLU A 200 -1.24 -12.20 14.05
N ASP A 201 -1.25 -13.52 14.06
CA ASP A 201 -0.21 -14.27 13.38
C ASP A 201 -0.31 -14.01 11.90
N VAL A 202 0.82 -13.73 11.29
CA VAL A 202 0.83 -13.42 9.88
C VAL A 202 2.17 -13.90 9.34
N PRO A 203 2.22 -14.30 8.06
CA PRO A 203 3.48 -14.79 7.48
C PRO A 203 4.53 -13.69 7.37
N PHE A 204 5.79 -14.08 7.34
CA PHE A 204 6.87 -13.11 7.20
C PHE A 204 6.79 -12.55 5.80
N HIS A 205 7.08 -11.27 5.63
CA HIS A 205 7.08 -10.71 4.29
C HIS A 205 8.29 -11.27 3.59
N SER A 206 8.17 -11.56 2.29
CA SER A 206 9.28 -12.11 1.55
C SER A 206 10.28 -11.02 1.14
N SER A 207 11.22 -10.71 2.03
CA SER A 207 12.21 -9.70 1.71
C SER A 207 13.42 -10.38 1.10
N TYR A 208 13.19 -11.01 -0.04
CA TYR A 208 14.24 -11.71 -0.78
C TYR A 208 13.76 -11.91 -2.21
N ALA A 209 14.69 -12.21 -3.09
CA ALA A 209 14.37 -12.48 -4.49
C ALA A 209 14.82 -13.90 -4.77
N HIS A 210 14.10 -14.59 -5.65
CA HIS A 210 14.47 -15.95 -5.98
C HIS A 210 15.69 -15.96 -6.91
N SER A 211 16.62 -16.87 -6.64
CA SER A 211 17.81 -17.01 -7.46
C SER A 211 17.65 -18.21 -8.38
N GLN A 212 16.40 -18.62 -8.57
CA GLN A 212 16.04 -19.73 -9.43
C GLN A 212 14.69 -19.40 -10.05
N SER A 213 14.38 -19.96 -11.21
CA SER A 213 13.08 -19.70 -11.83
C SER A 213 12.30 -21.01 -11.92
N LEU A 214 10.97 -20.91 -11.86
CA LEU A 214 10.07 -22.06 -11.91
C LEU A 214 10.36 -23.07 -13.01
N ASP A 215 10.80 -22.57 -14.16
CA ASP A 215 11.08 -23.40 -15.32
C ASP A 215 12.53 -23.89 -15.39
N ARG A 216 13.29 -23.67 -14.33
CA ARG A 216 14.68 -24.10 -14.28
C ARG A 216 15.04 -24.74 -12.92
N LEU A 217 14.25 -25.72 -12.50
CA LEU A 217 14.49 -26.39 -11.22
C LEU A 217 15.11 -27.77 -11.39
N MET A 218 15.28 -28.23 -12.63
CA MET A 218 15.86 -29.56 -12.84
C MET A 218 17.37 -29.58 -12.80
N ASN A 219 17.87 -30.83 -12.86
CA ASN A 219 19.29 -31.09 -12.91
C ASN A 219 19.68 -30.93 -14.37
N PRO A 220 20.59 -29.97 -14.59
CA PRO A 220 21.11 -29.64 -15.95
C PRO A 220 21.80 -30.73 -16.71
N LEU A 221 22.16 -31.75 -15.97
CA LEU A 221 22.99 -32.81 -16.49
C LEU A 221 22.33 -34.15 -16.74
N ILE A 222 21.08 -34.32 -16.31
CA ILE A 222 20.42 -35.61 -16.44
C ILE A 222 19.12 -35.56 -17.22
N ASP A 223 18.84 -36.61 -17.99
CA ASP A 223 17.61 -36.69 -18.77
C ASP A 223 16.49 -37.14 -17.84
N GLN A 224 15.25 -36.88 -18.24
CA GLN A 224 14.12 -37.33 -17.45
C GLN A 224 13.87 -38.78 -17.90
N TYR A 225 13.08 -39.54 -17.15
CA TYR A 225 12.77 -40.89 -17.57
C TYR A 225 11.44 -40.78 -18.29
N LEU A 226 10.80 -39.64 -18.11
CA LEU A 226 9.51 -39.34 -18.72
C LEU A 226 9.70 -38.92 -20.19
N TYR A 227 8.70 -39.22 -21.02
CA TYR A 227 8.75 -38.86 -22.43
C TYR A 227 7.67 -37.82 -22.74
N TYR A 228 7.83 -37.16 -23.87
CA TYR A 228 6.84 -36.18 -24.33
C TYR A 228 6.70 -36.38 -25.84
N LEU A 229 5.54 -36.00 -26.38
CA LEU A 229 5.29 -36.12 -27.82
C LEU A 229 6.25 -35.12 -28.44
N SER A 230 7.22 -35.62 -29.22
CA SER A 230 8.20 -34.76 -29.86
C SER A 230 8.01 -34.61 -31.37
N ARG A 231 7.35 -35.56 -32.00
CA ARG A 231 7.14 -35.50 -33.44
C ARG A 231 5.75 -35.97 -33.84
N THR A 232 5.14 -35.26 -34.77
CA THR A 232 3.81 -35.58 -35.25
C THR A 232 3.77 -35.92 -36.74
N GLN A 233 4.88 -35.67 -37.42
CA GLN A 233 4.98 -35.93 -38.85
C GLN A 233 6.39 -36.37 -39.23
N THR A 234 6.49 -37.20 -40.28
CA THR A 234 7.80 -37.66 -40.73
C THR A 234 8.61 -36.50 -41.28
N THR A 235 9.90 -36.73 -41.51
CA THR A 235 10.79 -35.68 -41.98
C THR A 235 11.62 -35.99 -43.25
N GLY A 236 11.77 -37.27 -43.61
CA GLY A 236 12.58 -37.76 -44.76
C GLY A 236 12.48 -37.10 -46.16
N GLY A 237 11.77 -35.95 -46.36
CA GLY A 237 11.76 -35.34 -47.70
C GLY A 237 10.43 -34.65 -48.08
N THR A 238 9.69 -35.23 -49.01
CA THR A 238 8.40 -34.63 -49.40
C THR A 238 7.21 -35.59 -49.23
N ALA A 239 7.50 -36.85 -48.92
CA ALA A 239 6.44 -37.84 -48.72
C ALA A 239 5.99 -37.76 -47.25
N ASN A 240 6.19 -36.61 -46.62
CA ASN A 240 5.85 -36.42 -45.21
C ASN A 240 4.40 -36.65 -44.80
N THR A 241 4.20 -37.67 -43.98
CA THR A 241 2.87 -38.02 -43.47
C THR A 241 2.90 -38.07 -41.94
N GLN A 242 1.72 -38.16 -41.35
CA GLN A 242 1.61 -38.19 -39.91
C GLN A 242 2.23 -39.44 -39.30
N THR A 243 2.81 -39.25 -38.12
CA THR A 243 3.46 -40.30 -37.35
C THR A 243 3.41 -39.83 -35.89
N LEU A 244 4.01 -40.62 -35.01
CA LEU A 244 4.06 -40.31 -33.59
C LEU A 244 5.47 -40.58 -33.07
N GLY A 245 6.15 -39.52 -32.63
CA GLY A 245 7.51 -39.65 -32.12
C GLY A 245 7.61 -39.09 -30.71
N PHE A 246 8.28 -39.84 -29.82
CA PHE A 246 8.43 -39.42 -28.44
C PHE A 246 9.88 -39.32 -28.02
N SER A 247 10.17 -38.36 -27.14
CA SER A 247 11.53 -38.17 -26.66
C SER A 247 11.57 -37.83 -25.17
N GLN A 248 12.75 -37.93 -24.60
CA GLN A 248 12.96 -37.63 -23.19
C GLN A 248 13.54 -36.23 -23.05
N GLY A 249 12.90 -35.43 -22.20
CA GLY A 249 13.40 -34.07 -21.98
C GLY A 249 14.81 -34.19 -21.41
N GLY A 250 15.66 -33.24 -21.75
CA GLY A 250 17.02 -33.27 -21.26
C GLY A 250 17.60 -31.88 -21.21
N PRO A 251 18.91 -31.75 -20.94
CA PRO A 251 19.54 -30.42 -20.87
C PRO A 251 19.26 -29.43 -22.00
N ASN A 252 19.09 -29.93 -23.22
CA ASN A 252 18.82 -29.01 -24.33
C ASN A 252 17.35 -28.82 -24.63
N THR A 253 16.50 -29.51 -23.90
CA THR A 253 15.06 -29.42 -24.12
C THR A 253 14.30 -29.13 -22.84
N MET A 254 14.85 -28.22 -22.04
CA MET A 254 14.23 -27.86 -20.77
C MET A 254 12.84 -27.27 -20.91
N ALA A 255 12.54 -26.69 -22.05
CA ALA A 255 11.21 -26.12 -22.26
C ALA A 255 10.15 -27.22 -22.45
N ASN A 256 10.61 -28.40 -22.85
CA ASN A 256 9.72 -29.54 -23.09
C ASN A 256 9.57 -30.45 -21.88
N GLN A 257 10.53 -30.38 -20.97
CA GLN A 257 10.53 -31.21 -19.77
C GLN A 257 9.26 -31.16 -18.96
N ALA A 258 8.89 -32.31 -18.39
CA ALA A 258 7.72 -32.40 -17.53
C ALA A 258 8.11 -31.63 -16.26
N LYS A 259 7.17 -30.86 -15.73
CA LYS A 259 7.44 -30.09 -14.52
C LYS A 259 6.28 -30.25 -13.55
N ASN A 260 6.52 -29.90 -12.29
CA ASN A 260 5.51 -30.04 -11.25
C ASN A 260 4.66 -28.83 -10.97
N TRP A 261 5.11 -27.65 -11.38
CA TRP A 261 4.37 -26.42 -11.09
C TRP A 261 4.03 -25.52 -12.27
N LEU A 262 3.22 -24.52 -11.97
CA LEU A 262 2.75 -23.53 -12.94
C LEU A 262 2.98 -22.13 -12.36
N PRO A 263 3.22 -21.13 -13.23
CA PRO A 263 3.45 -19.76 -12.76
C PRO A 263 2.16 -19.20 -12.17
N GLY A 264 2.30 -18.18 -11.33
CA GLY A 264 1.15 -17.57 -10.68
C GLY A 264 0.07 -17.01 -11.60
N PRO A 265 -1.09 -16.65 -11.03
CA PRO A 265 -2.21 -16.09 -11.80
C PRO A 265 -1.86 -14.84 -12.61
N CYS A 266 -2.67 -14.58 -13.63
CA CYS A 266 -2.46 -13.48 -14.55
C CYS A 266 -3.70 -12.66 -14.91
N TYR A 267 -3.53 -11.36 -15.06
CA TYR A 267 -4.59 -10.41 -15.43
C TYR A 267 -3.89 -9.29 -16.24
N ARG A 268 -3.54 -9.61 -17.47
CA ARG A 268 -2.75 -8.78 -18.38
C ARG A 268 -3.09 -7.27 -18.44
N GLN A 269 -2.05 -6.47 -18.31
CA GLN A 269 -2.16 -5.02 -18.35
C GLN A 269 -1.48 -4.52 -19.62
N GLN A 270 -1.88 -3.33 -20.07
CA GLN A 270 -1.29 -2.76 -21.27
C GLN A 270 0.11 -2.23 -20.94
N ARG A 271 1.05 -2.46 -21.85
CA ARG A 271 2.43 -2.02 -21.64
C ARG A 271 2.64 -0.57 -22.09
N VAL A 272 3.56 0.13 -21.44
CA VAL A 272 3.89 1.50 -21.81
C VAL A 272 5.36 1.75 -21.53
N SER A 273 6.03 2.43 -22.45
CA SER A 273 7.45 2.71 -22.34
C SER A 273 7.74 4.08 -21.74
N THR A 274 8.88 4.20 -21.08
CA THR A 274 9.27 5.48 -20.50
C THR A 274 9.91 6.36 -21.57
N THR A 275 10.07 5.79 -22.76
CA THR A 275 10.58 6.47 -23.95
C THR A 275 9.31 6.78 -24.72
N THR A 276 8.69 7.92 -24.44
CA THR A 276 7.43 8.30 -25.07
C THR A 276 7.33 8.04 -26.57
N GLY A 277 8.43 8.21 -27.29
CA GLY A 277 8.43 8.00 -28.74
C GLY A 277 8.01 6.56 -29.13
N GLN A 278 8.14 5.60 -28.22
CA GLN A 278 7.79 4.23 -28.54
C GLN A 278 6.32 3.92 -28.26
N ASN A 279 5.59 4.89 -27.71
CA ASN A 279 4.17 4.68 -27.39
C ASN A 279 3.22 5.17 -28.47
N ASN A 280 2.06 4.54 -28.54
CA ASN A 280 1.05 4.93 -29.51
C ASN A 280 0.69 6.37 -29.20
N ASN A 281 0.44 7.17 -30.22
CA ASN A 281 0.08 8.57 -29.97
C ASN A 281 -1.41 8.74 -29.77
N SER A 282 -1.88 8.46 -28.56
CA SER A 282 -3.29 8.62 -28.18
C SER A 282 -3.31 8.68 -26.66
N ASN A 283 -4.46 9.01 -26.09
CA ASN A 283 -4.56 9.08 -24.63
C ASN A 283 -5.27 7.80 -24.17
N PHE A 284 -4.49 6.75 -23.91
CA PHE A 284 -5.08 5.48 -23.53
C PHE A 284 -5.01 5.05 -22.07
N ALA A 285 -4.46 5.89 -21.20
CA ALA A 285 -4.34 5.57 -19.78
C ALA A 285 -5.62 4.96 -19.22
N TRP A 286 -6.77 5.53 -19.56
CA TRP A 286 -8.02 5.01 -19.07
C TRP A 286 -8.70 4.03 -20.02
N THR A 287 -8.76 4.40 -21.29
CA THR A 287 -9.41 3.56 -22.28
C THR A 287 -8.76 2.20 -22.45
N ALA A 288 -7.44 2.13 -22.25
CA ALA A 288 -6.73 0.86 -22.39
C ALA A 288 -6.36 0.31 -21.01
N GLY A 289 -6.88 0.96 -19.97
CA GLY A 289 -6.59 0.52 -18.62
C GLY A 289 -7.22 -0.81 -18.25
N THR A 290 -6.52 -1.57 -17.39
CA THR A 290 -7.01 -2.86 -16.92
C THR A 290 -7.95 -2.55 -15.76
N LYS A 291 -9.19 -3.00 -15.86
CA LYS A 291 -10.16 -2.66 -14.85
C LYS A 291 -11.04 -3.82 -14.40
N TYR A 292 -11.82 -3.59 -13.35
CA TYR A 292 -12.77 -4.58 -12.88
C TYR A 292 -14.12 -3.89 -12.90
N HIS A 293 -15.16 -4.68 -13.11
CA HIS A 293 -16.52 -4.17 -13.24
C HIS A 293 -17.38 -4.53 -12.03
N LEU A 294 -17.75 -3.53 -11.24
CA LEU A 294 -18.53 -3.76 -10.01
C LEU A 294 -19.81 -2.92 -10.00
N ASN A 295 -20.95 -3.58 -10.02
CA ASN A 295 -22.26 -2.92 -10.00
C ASN A 295 -22.39 -1.74 -10.95
N GLY A 296 -22.09 -1.87 -12.21
CA GLY A 296 -22.31 -0.72 -13.05
C GLY A 296 -21.11 0.21 -13.18
N ARG A 297 -20.17 0.21 -12.23
CA ARG A 297 -19.03 1.09 -12.41
C ARG A 297 -17.71 0.36 -12.51
N ASN A 298 -16.77 0.99 -13.21
CA ASN A 298 -15.47 0.41 -13.43
C ASN A 298 -14.37 1.08 -12.64
N SER A 299 -13.41 0.26 -12.21
CA SER A 299 -12.28 0.75 -11.45
C SER A 299 -11.04 0.15 -12.04
N LEU A 300 -9.95 0.89 -11.93
CA LEU A 300 -8.68 0.42 -12.39
C LEU A 300 -8.32 -0.72 -11.42
N ALA A 301 -7.81 -1.82 -11.95
CA ALA A 301 -7.29 -2.87 -11.10
C ALA A 301 -5.89 -2.39 -10.83
N ASN A 302 -5.78 -1.42 -9.92
CA ASN A 302 -4.53 -0.75 -9.64
C ASN A 302 -4.02 -0.89 -8.21
N PRO A 303 -2.85 -1.53 -8.05
CA PRO A 303 -2.02 -2.08 -9.13
C PRO A 303 -2.41 -3.48 -9.56
N GLY A 304 -3.47 -4.02 -8.98
CA GLY A 304 -3.91 -5.35 -9.35
C GLY A 304 -2.99 -6.44 -8.83
N ILE A 305 -3.25 -7.68 -9.25
CA ILE A 305 -2.44 -8.81 -8.82
C ILE A 305 -0.96 -8.59 -9.09
N ALA A 306 -0.13 -9.25 -8.30
CA ALA A 306 1.31 -9.12 -8.43
C ALA A 306 1.88 -9.82 -9.67
N MET A 307 2.43 -9.04 -10.58
CA MET A 307 3.05 -9.58 -11.78
C MET A 307 4.36 -8.85 -12.02
N ALA A 308 5.32 -9.53 -12.64
CA ALA A 308 6.61 -8.93 -12.93
C ALA A 308 6.40 -7.70 -13.80
N THR A 309 7.02 -6.58 -13.42
CA THR A 309 6.89 -5.33 -14.16
C THR A 309 7.31 -5.42 -15.63
N HIS A 310 8.36 -6.18 -15.90
CA HIS A 310 8.86 -6.32 -17.26
C HIS A 310 9.75 -7.55 -17.33
N LYS A 311 10.05 -8.02 -18.55
CA LYS A 311 10.92 -9.17 -18.68
C LYS A 311 12.36 -8.70 -18.83
N ASP A 312 13.27 -9.64 -19.06
CA ASP A 312 14.69 -9.32 -19.22
C ASP A 312 14.97 -8.15 -20.18
N ASP A 313 15.82 -7.24 -19.76
CA ASP A 313 16.27 -6.12 -20.57
C ASP A 313 15.24 -5.05 -20.93
N GLU A 314 14.07 -5.09 -20.34
CA GLU A 314 13.08 -4.08 -20.70
C GLU A 314 12.66 -3.15 -19.56
N GLU A 315 13.64 -2.63 -18.87
CA GLU A 315 13.37 -1.75 -17.74
C GLU A 315 12.52 -0.55 -18.11
N ARG A 316 12.50 -0.20 -19.39
CA ARG A 316 11.72 0.95 -19.86
C ARG A 316 10.23 0.68 -19.93
N PHE A 317 9.83 -0.58 -19.84
CA PHE A 317 8.42 -0.95 -19.91
C PHE A 317 7.77 -1.16 -18.54
N PHE A 318 6.48 -0.83 -18.46
CA PHE A 318 5.73 -1.01 -17.21
C PHE A 318 4.23 -1.08 -17.47
N PRO A 319 3.49 -1.79 -16.62
CA PRO A 319 2.03 -1.93 -16.76
C PRO A 319 1.37 -0.56 -16.54
N SER A 320 0.52 -0.12 -17.46
CA SER A 320 -0.13 1.19 -17.31
C SER A 320 -0.68 1.44 -15.90
N ASN A 321 -1.26 0.44 -15.27
CA ASN A 321 -1.76 0.60 -13.92
C ASN A 321 -1.40 -0.65 -13.11
N GLY A 322 -0.17 -1.14 -13.19
CA GLY A 322 0.17 -2.33 -12.43
C GLY A 322 1.39 -2.20 -11.55
N ILE A 323 1.73 -0.98 -11.14
CA ILE A 323 2.87 -0.78 -10.26
C ILE A 323 2.59 0.40 -9.35
N LEU A 324 3.25 0.44 -8.20
CA LEU A 324 3.07 1.55 -7.29
C LEU A 324 3.95 2.68 -7.83
N ILE A 325 3.44 3.90 -7.73
CA ILE A 325 4.20 5.05 -8.19
C ILE A 325 4.15 6.14 -7.12
N PHE A 326 5.33 6.54 -6.66
CA PHE A 326 5.42 7.59 -5.65
C PHE A 326 5.87 8.87 -6.34
N GLY A 327 5.62 9.99 -5.69
CA GLY A 327 6.04 11.26 -6.28
C GLY A 327 7.31 11.72 -5.62
N LYS A 328 8.12 12.50 -6.33
CA LYS A 328 9.32 13.04 -5.73
C LYS A 328 8.85 14.22 -4.91
N GLN A 329 9.73 14.76 -4.06
CA GLN A 329 9.33 15.90 -3.26
C GLN A 329 8.73 17.01 -4.11
N ASN A 330 7.55 17.46 -3.72
CA ASN A 330 6.89 18.56 -4.42
C ASN A 330 6.36 18.25 -5.83
N ALA A 331 6.19 16.98 -6.17
CA ALA A 331 5.63 16.66 -7.48
C ALA A 331 4.19 17.18 -7.46
N ALA A 332 3.74 17.74 -8.58
CA ALA A 332 2.38 18.26 -8.66
C ALA A 332 1.35 17.17 -8.38
N ARG A 333 0.18 17.58 -7.90
CA ARG A 333 -0.87 16.63 -7.62
C ARG A 333 -1.46 16.08 -8.91
N ASP A 334 -1.54 16.93 -9.92
CA ASP A 334 -2.10 16.56 -11.21
C ASP A 334 -1.14 16.66 -12.36
N ASN A 335 -1.25 15.71 -13.29
CA ASN A 335 -0.41 15.68 -14.47
C ASN A 335 1.07 15.94 -14.19
N ALA A 336 1.60 15.31 -13.14
CA ALA A 336 3.01 15.48 -12.83
C ALA A 336 3.80 14.79 -13.94
N ASP A 337 4.97 15.32 -14.23
CA ASP A 337 5.83 14.79 -15.28
C ASP A 337 6.50 13.48 -14.85
N TYR A 338 6.93 12.69 -15.83
CA TYR A 338 7.60 11.43 -15.53
C TYR A 338 8.81 11.65 -14.62
N SER A 339 9.53 12.75 -14.85
CA SER A 339 10.71 13.06 -14.06
C SER A 339 10.37 13.56 -12.66
N ASP A 340 9.09 13.66 -12.34
CA ASP A 340 8.66 14.12 -11.01
C ASP A 340 8.11 13.00 -10.16
N VAL A 341 8.06 11.80 -10.72
CA VAL A 341 7.55 10.67 -9.97
C VAL A 341 8.61 9.59 -9.92
N MET A 342 8.32 8.52 -9.20
CA MET A 342 9.25 7.41 -9.05
C MET A 342 8.49 6.11 -9.23
N LEU A 343 8.78 5.39 -10.30
CA LEU A 343 8.09 4.13 -10.55
C LEU A 343 8.80 3.00 -9.82
N THR A 344 8.03 2.10 -9.25
CA THR A 344 8.59 0.95 -8.54
C THR A 344 8.66 -0.17 -9.54
N SER A 345 9.33 -1.26 -9.17
CA SER A 345 9.44 -2.38 -10.06
C SER A 345 9.40 -3.71 -9.33
N GLU A 346 8.50 -4.59 -9.79
CA GLU A 346 8.33 -5.91 -9.22
C GLU A 346 9.09 -6.89 -10.11
N GLU A 347 10.14 -6.37 -10.73
CA GLU A 347 10.99 -7.13 -11.62
C GLU A 347 11.52 -8.42 -10.97
N GLU A 348 11.76 -8.38 -9.65
CA GLU A 348 12.29 -9.52 -8.91
C GLU A 348 11.44 -10.79 -8.99
N ILE A 349 10.15 -10.65 -9.29
CA ILE A 349 9.30 -11.84 -9.34
C ILE A 349 9.09 -12.50 -10.71
N LYS A 350 9.87 -12.10 -11.72
CA LYS A 350 9.78 -12.68 -13.08
C LYS A 350 9.97 -14.18 -12.92
N THR A 351 10.58 -14.49 -11.82
CA THR A 351 11.00 -15.81 -11.43
C THR A 351 9.84 -16.82 -11.21
N THR A 352 8.66 -16.33 -10.81
CA THR A 352 7.51 -17.20 -10.57
C THR A 352 6.19 -16.68 -11.08
N ASN A 353 6.08 -15.34 -11.15
CA ASN A 353 4.88 -14.62 -11.58
C ASN A 353 4.97 -14.20 -13.05
N PRO A 354 3.86 -14.30 -13.79
CA PRO A 354 3.89 -13.91 -15.20
C PRO A 354 4.26 -12.44 -15.33
N VAL A 355 4.81 -12.05 -16.46
CA VAL A 355 5.13 -10.65 -16.68
C VAL A 355 3.77 -9.97 -16.88
N ALA A 356 3.57 -8.85 -16.21
CA ALA A 356 2.32 -8.09 -16.24
C ALA A 356 1.76 -7.65 -17.59
N THR A 357 2.61 -7.55 -18.60
CA THR A 357 2.16 -7.08 -19.90
C THR A 357 2.18 -8.13 -21.01
N GLU A 358 2.13 -9.40 -20.65
CA GLU A 358 2.16 -10.47 -21.64
C GLU A 358 1.18 -11.59 -21.28
N GLU A 359 1.06 -12.58 -22.16
CA GLU A 359 0.13 -13.69 -21.90
C GLU A 359 0.57 -14.57 -20.75
N TYR A 360 -0.38 -15.36 -20.26
CA TYR A 360 -0.08 -16.31 -19.22
C TYR A 360 0.51 -17.48 -19.97
N GLY A 361 -0.12 -17.82 -21.10
CA GLY A 361 0.34 -18.91 -21.91
C GLY A 361 -0.59 -19.20 -23.07
N ILE A 362 -0.54 -20.43 -23.56
CA ILE A 362 -1.33 -20.84 -24.72
C ILE A 362 -2.11 -22.14 -24.49
N VAL A 363 -3.35 -22.17 -24.94
CA VAL A 363 -4.19 -23.36 -24.82
C VAL A 363 -4.78 -23.77 -26.18
N ALA A 364 -5.24 -25.01 -26.26
CA ALA A 364 -5.84 -25.51 -27.50
C ALA A 364 -7.17 -24.78 -27.70
N ASP A 365 -7.51 -24.52 -28.95
CA ASP A 365 -8.75 -23.82 -29.24
C ASP A 365 -9.75 -24.63 -30.07
N ASN A 366 -9.39 -25.86 -30.41
CA ASN A 366 -10.25 -26.71 -31.22
C ASN A 366 -9.76 -28.15 -31.20
N LEU A 367 -10.46 -29.01 -31.92
CA LEU A 367 -10.09 -30.43 -32.03
C LEU A 367 -9.51 -30.69 -33.41
N GLN A 368 -8.20 -30.89 -33.47
CA GLN A 368 -7.57 -31.16 -34.76
C GLN A 368 -7.87 -32.55 -35.30
N GLN A 369 -7.96 -32.65 -36.62
CA GLN A 369 -8.19 -33.92 -37.31
C GLN A 369 -7.35 -33.81 -38.55
N GLN A 370 -7.37 -34.85 -39.37
CA GLN A 370 -6.58 -34.83 -40.58
C GLN A 370 -7.00 -33.70 -41.54
N ASN A 371 -8.27 -33.30 -41.47
CA ASN A 371 -8.78 -32.23 -42.33
C ASN A 371 -8.86 -30.87 -41.60
N THR A 372 -8.42 -30.83 -40.35
CA THR A 372 -8.47 -29.60 -39.58
C THR A 372 -7.18 -29.37 -38.81
N ALA A 373 -6.45 -28.31 -39.17
CA ALA A 373 -5.20 -27.99 -38.50
C ALA A 373 -5.50 -27.56 -37.08
N PRO A 374 -4.58 -27.81 -36.14
CA PRO A 374 -4.82 -27.42 -34.76
C PRO A 374 -4.74 -25.90 -34.61
N GLN A 375 -5.57 -25.36 -33.72
CA GLN A 375 -5.60 -23.93 -33.45
C GLN A 375 -5.29 -23.65 -31.98
N ILE A 376 -4.74 -22.49 -31.69
CA ILE A 376 -4.38 -22.15 -30.33
C ILE A 376 -4.96 -20.81 -29.91
N GLY A 377 -5.13 -20.65 -28.60
CA GLY A 377 -5.66 -19.42 -28.06
C GLY A 377 -4.72 -18.85 -27.01
N THR A 378 -4.55 -17.54 -27.05
CA THR A 378 -3.70 -16.86 -26.10
C THR A 378 -4.48 -16.56 -24.83
N VAL A 379 -3.91 -16.90 -23.68
CA VAL A 379 -4.56 -16.65 -22.40
C VAL A 379 -4.05 -15.36 -21.78
N ASN A 380 -4.93 -14.37 -21.60
CA ASN A 380 -4.52 -13.10 -21.00
C ASN A 380 -5.09 -12.89 -19.62
N SER A 381 -5.99 -13.78 -19.22
CA SER A 381 -6.63 -13.75 -17.92
C SER A 381 -6.62 -15.19 -17.40
N GLN A 382 -5.83 -15.43 -16.36
CA GLN A 382 -5.74 -16.79 -15.81
C GLN A 382 -5.86 -16.81 -14.30
N GLY A 383 -6.97 -17.37 -13.82
CA GLY A 383 -7.20 -17.48 -12.39
C GLY A 383 -6.48 -18.68 -11.82
N ALA A 384 -6.51 -18.80 -10.49
CA ALA A 384 -5.85 -19.89 -9.79
C ALA A 384 -6.00 -21.27 -10.42
N LEU A 385 -4.86 -21.94 -10.57
CA LEU A 385 -4.81 -23.28 -11.15
C LEU A 385 -3.99 -24.19 -10.22
N PRO A 386 -4.45 -25.43 -10.02
CA PRO A 386 -3.70 -26.33 -9.15
C PRO A 386 -2.24 -26.41 -9.59
N GLY A 387 -1.32 -26.22 -8.65
CA GLY A 387 0.09 -26.28 -8.99
C GLY A 387 0.75 -24.92 -9.14
N MET A 388 -0.02 -23.85 -9.06
CA MET A 388 0.56 -22.52 -9.19
C MET A 388 1.29 -22.11 -7.93
N VAL A 389 2.33 -21.31 -8.09
CA VAL A 389 3.07 -20.78 -6.96
C VAL A 389 3.35 -19.34 -7.37
N TRP A 390 3.35 -18.42 -6.42
CA TRP A 390 3.61 -17.04 -6.75
C TRP A 390 4.13 -16.25 -5.57
N GLN A 391 4.53 -15.03 -5.86
CA GLN A 391 5.06 -14.13 -4.88
C GLN A 391 4.11 -12.93 -4.80
N ASN A 392 4.12 -12.21 -3.67
CA ASN A 392 3.27 -11.03 -3.52
C ASN A 392 4.05 -9.81 -3.94
N ARG A 393 3.36 -8.68 -4.01
CA ARG A 393 4.03 -7.44 -4.38
C ARG A 393 4.96 -7.11 -3.21
N ASP A 394 6.08 -6.49 -3.52
CA ASP A 394 7.02 -6.13 -2.49
C ASP A 394 6.44 -4.95 -1.69
N VAL A 395 7.07 -4.60 -0.57
CA VAL A 395 6.63 -3.46 0.23
C VAL A 395 7.74 -2.44 0.12
N TYR A 396 7.46 -1.18 0.39
CA TYR A 396 8.48 -0.15 0.25
C TYR A 396 8.62 0.75 1.46
N LEU A 397 9.82 1.29 1.65
CA LEU A 397 10.07 2.17 2.78
C LEU A 397 8.96 3.21 2.88
N GLN A 398 8.53 3.76 1.75
CA GLN A 398 7.47 4.75 1.76
C GLN A 398 6.12 4.15 1.39
N GLY A 399 6.02 2.82 1.43
CA GLY A 399 4.77 2.16 1.08
C GLY A 399 3.91 1.79 2.27
N PRO A 400 2.70 1.28 2.03
CA PRO A 400 1.79 0.88 3.11
C PRO A 400 2.28 -0.37 3.84
N ILE A 401 1.83 -0.56 5.07
CA ILE A 401 2.22 -1.71 5.89
C ILE A 401 1.15 -2.79 5.95
N TRP A 402 -0.07 -2.40 6.30
CA TRP A 402 -1.15 -3.38 6.40
C TRP A 402 -2.44 -2.85 5.82
N ALA A 403 -3.44 -3.73 5.78
CA ALA A 403 -4.77 -3.39 5.31
C ALA A 403 -5.72 -4.34 6.02
N LYS A 404 -6.94 -3.88 6.28
CA LYS A 404 -7.91 -4.74 6.94
C LYS A 404 -8.54 -5.64 5.89
N ILE A 405 -8.53 -6.94 6.14
CA ILE A 405 -9.14 -7.88 5.21
C ILE A 405 -10.64 -7.64 5.28
N PRO A 406 -11.31 -7.48 4.12
CA PRO A 406 -12.75 -7.24 4.13
C PRO A 406 -13.51 -8.37 4.79
N HIS A 407 -14.54 -8.04 5.55
CA HIS A 407 -15.34 -9.04 6.23
C HIS A 407 -16.29 -9.68 5.22
N THR A 408 -15.88 -10.80 4.65
CA THR A 408 -16.69 -11.49 3.66
C THR A 408 -16.65 -12.99 3.87
N ASP A 409 -17.58 -13.70 3.25
CA ASP A 409 -17.66 -15.15 3.39
C ASP A 409 -16.39 -15.79 2.89
N GLY A 410 -15.86 -15.29 1.79
CA GLY A 410 -14.66 -15.87 1.27
C GLY A 410 -13.71 -14.88 0.65
N ASN A 411 -12.58 -15.36 0.28
CA ASN A 411 -11.54 -14.59 -0.39
C ASN A 411 -10.37 -15.48 -0.80
N PHE A 412 -9.43 -14.95 -1.49
CA PHE A 412 -8.34 -15.77 -1.95
C PHE A 412 -7.04 -15.01 -1.73
N HIS A 413 -6.13 -15.65 -0.98
CA HIS A 413 -4.82 -15.07 -0.69
C HIS A 413 -4.95 -13.57 -0.38
N PRO A 414 -5.56 -13.24 0.77
CA PRO A 414 -5.83 -11.90 1.30
C PRO A 414 -4.64 -10.98 1.54
N SER A 415 -3.60 -11.10 0.72
CA SER A 415 -2.47 -10.19 0.86
C SER A 415 -2.90 -8.91 0.10
N PRO A 416 -2.95 -7.83 0.78
CA PRO A 416 -3.39 -6.57 0.16
C PRO A 416 -2.62 -6.26 -1.11
N LEU A 417 -3.33 -6.02 -2.21
CA LEU A 417 -2.70 -5.83 -3.50
C LEU A 417 -1.71 -4.67 -3.58
N MET A 418 -1.94 -3.61 -2.81
CA MET A 418 -0.99 -2.50 -2.83
C MET A 418 0.29 -2.89 -2.13
N GLY A 419 0.26 -4.04 -1.48
CA GLY A 419 1.42 -4.53 -0.76
C GLY A 419 1.23 -4.50 0.75
N GLY A 420 1.86 -5.42 1.45
CA GLY A 420 1.75 -5.45 2.90
C GLY A 420 1.13 -6.70 3.52
N PHE A 421 0.70 -6.54 4.78
CA PHE A 421 0.10 -7.62 5.54
C PHE A 421 -1.42 -7.45 5.64
N GLY A 422 -2.15 -8.52 5.33
CA GLY A 422 -3.59 -8.49 5.42
C GLY A 422 -3.98 -8.99 6.80
N LEU A 423 -4.72 -8.18 7.55
CA LEU A 423 -5.12 -8.55 8.90
C LEU A 423 -6.63 -8.51 9.12
N LYS A 424 -7.16 -9.53 9.80
CA LYS A 424 -8.59 -9.56 10.10
C LYS A 424 -8.88 -8.55 11.20
N HIS A 425 -7.90 -8.36 12.09
CA HIS A 425 -8.04 -7.42 13.20
C HIS A 425 -6.82 -6.53 13.22
N PRO A 426 -6.76 -5.58 12.28
CA PRO A 426 -5.64 -4.64 12.13
C PRO A 426 -5.60 -3.63 13.24
N PRO A 427 -4.51 -2.84 13.30
CA PRO A 427 -4.43 -1.83 14.35
C PRO A 427 -5.73 -1.03 14.27
N PRO A 428 -6.33 -0.70 15.42
CA PRO A 428 -7.58 0.06 15.42
C PRO A 428 -7.44 1.48 14.91
N GLN A 429 -8.54 2.04 14.43
CA GLN A 429 -8.51 3.41 13.97
C GLN A 429 -8.47 4.25 15.24
N ILE A 430 -7.67 5.31 15.22
CA ILE A 430 -7.54 6.19 16.37
C ILE A 430 -8.16 7.54 16.00
N LEU A 431 -9.34 7.81 16.51
CA LEU A 431 -10.03 9.04 16.21
C LEU A 431 -9.79 10.12 17.25
N ILE A 432 -9.63 11.35 16.78
CA ILE A 432 -9.36 12.48 17.67
C ILE A 432 -10.13 13.72 17.21
N LYS A 433 -10.55 14.53 18.17
CA LYS A 433 -11.32 15.72 17.85
C LYS A 433 -11.26 16.76 18.96
N ASN A 434 -11.25 18.04 18.58
CA ASN A 434 -11.24 19.10 19.57
C ASN A 434 -12.70 19.26 19.98
N THR A 435 -12.94 19.29 21.28
CA THR A 435 -14.31 19.45 21.78
C THR A 435 -14.77 20.87 21.47
N PRO A 436 -16.00 21.01 20.97
CA PRO A 436 -16.54 22.34 20.63
C PRO A 436 -16.68 23.17 21.90
N VAL A 437 -16.32 24.44 21.83
CA VAL A 437 -16.47 25.32 22.99
C VAL A 437 -17.34 26.51 22.57
N PRO A 438 -18.61 26.49 23.05
CA PRO A 438 -19.51 27.59 22.70
C PRO A 438 -19.01 28.99 22.95
N ALA A 439 -19.23 29.89 21.99
CA ALA A 439 -18.96 31.28 22.27
C ALA A 439 -20.20 31.75 23.00
N ASP A 440 -20.19 32.90 23.66
CA ASP A 440 -21.34 33.26 24.47
C ASP A 440 -22.68 32.93 23.74
N PRO A 441 -23.63 32.36 24.49
CA PRO A 441 -24.95 32.06 23.93
C PRO A 441 -25.91 33.22 24.19
N PRO A 442 -27.09 33.18 23.56
CA PRO A 442 -28.03 34.25 23.80
C PRO A 442 -28.43 34.27 25.27
N THR A 443 -29.04 35.36 25.68
CA THR A 443 -29.47 35.57 27.05
C THR A 443 -30.86 35.07 27.34
N THR A 444 -31.61 34.71 26.30
CA THR A 444 -32.93 34.18 26.51
C THR A 444 -32.95 32.90 25.68
N PHE A 445 -33.51 31.85 26.29
CA PHE A 445 -33.55 30.53 25.69
C PHE A 445 -34.03 30.39 24.26
N ASN A 446 -33.33 29.51 23.54
CA ASN A 446 -33.67 29.19 22.17
C ASN A 446 -33.28 27.75 21.83
N GLN A 447 -34.27 27.04 21.29
CA GLN A 447 -34.22 25.66 20.84
C GLN A 447 -33.01 25.27 19.99
N SER A 448 -32.71 26.11 19.00
CA SER A 448 -31.61 25.86 18.06
C SER A 448 -30.29 25.43 18.66
N LYS A 449 -29.59 24.54 17.97
CA LYS A 449 -28.30 24.09 18.44
C LYS A 449 -27.37 25.29 18.29
N LEU A 450 -26.40 25.43 19.19
CA LEU A 450 -25.48 26.55 19.09
C LEU A 450 -24.73 26.37 17.78
N ASN A 451 -24.31 27.47 17.18
CA ASN A 451 -23.56 27.42 15.93
C ASN A 451 -22.42 28.44 15.96
N SER A 452 -22.26 29.07 17.11
CA SER A 452 -21.25 30.06 17.35
C SER A 452 -20.22 29.52 18.36
N PHE A 453 -19.03 29.19 17.87
CA PHE A 453 -18.01 28.64 18.75
C PHE A 453 -16.70 29.42 18.80
N ILE A 454 -15.97 29.24 19.89
CA ILE A 454 -14.68 29.88 20.06
C ILE A 454 -13.76 29.20 19.06
N THR A 455 -12.93 29.98 18.39
CA THR A 455 -12.01 29.43 17.41
C THR A 455 -10.80 28.82 18.07
N GLN A 456 -10.58 27.53 17.87
CA GLN A 456 -9.40 26.92 18.46
C GLN A 456 -8.90 25.68 17.74
N TYR A 457 -7.69 25.27 18.09
CA TYR A 457 -7.06 24.11 17.51
C TYR A 457 -6.18 23.50 18.59
N SER A 458 -5.67 22.30 18.33
CA SER A 458 -4.82 21.65 19.31
C SER A 458 -3.54 21.15 18.69
N THR A 459 -2.58 20.83 19.56
CA THR A 459 -1.29 20.34 19.14
C THR A 459 -0.71 19.51 20.27
N GLY A 460 0.21 18.62 19.95
CA GLY A 460 0.83 17.79 20.97
C GLY A 460 1.72 16.77 20.30
N GLN A 461 2.22 15.79 21.03
CA GLN A 461 3.06 14.79 20.39
C GLN A 461 2.33 13.45 20.37
N VAL A 462 2.83 12.55 19.53
CA VAL A 462 2.25 11.23 19.38
C VAL A 462 3.43 10.27 19.25
N SER A 463 3.32 9.10 19.87
CA SER A 463 4.37 8.08 19.82
C SER A 463 3.83 6.75 19.36
N VAL A 464 4.61 6.04 18.57
CA VAL A 464 4.20 4.73 18.11
C VAL A 464 5.41 3.86 18.21
N GLU A 465 5.27 2.74 18.90
CA GLU A 465 6.37 1.81 19.05
C GLU A 465 5.90 0.49 18.50
N ILE A 466 6.68 -0.10 17.61
CA ILE A 466 6.29 -1.38 17.06
C ILE A 466 7.45 -2.37 17.17
N GLU A 467 7.11 -3.59 17.55
CA GLU A 467 8.10 -4.64 17.68
C GLU A 467 7.96 -5.52 16.45
N TRP A 468 9.07 -5.76 15.77
CA TRP A 468 9.05 -6.59 14.57
C TRP A 468 9.89 -7.84 14.76
N GLU A 469 9.40 -8.96 14.25
CA GLU A 469 10.14 -10.20 14.34
C GLU A 469 10.89 -10.37 13.04
N LEU A 470 12.17 -10.73 13.12
CA LEU A 470 12.97 -10.90 11.92
C LEU A 470 13.21 -12.37 11.62
N GLN A 471 13.29 -12.69 10.35
CA GLN A 471 13.57 -14.06 9.94
C GLN A 471 14.97 -13.96 9.36
N LYS A 472 15.96 -14.40 10.11
CA LYS A 472 17.32 -14.30 9.62
C LYS A 472 17.59 -15.15 8.39
N GLU A 473 18.56 -14.68 7.62
CA GLU A 473 19.00 -15.31 6.38
C GLU A 473 19.92 -16.48 6.73
N ASN A 474 19.75 -17.60 6.03
CA ASN A 474 20.49 -18.83 6.29
C ASN A 474 21.11 -19.42 5.00
N SER A 475 21.54 -18.54 4.09
CA SER A 475 22.06 -18.94 2.79
C SER A 475 23.47 -19.54 2.69
N LYS A 476 23.64 -20.51 1.79
CA LYS A 476 24.94 -21.13 1.56
C LYS A 476 25.48 -20.62 0.23
N ARG A 477 24.89 -19.55 -0.29
CA ARG A 477 25.35 -18.95 -1.53
C ARG A 477 26.80 -18.53 -1.29
N TRP A 478 27.70 -18.95 -2.17
CA TRP A 478 29.12 -18.64 -2.01
C TRP A 478 29.49 -17.21 -2.35
N ASN A 479 29.01 -16.74 -3.50
CA ASN A 479 29.31 -15.40 -3.97
C ASN A 479 28.47 -14.32 -3.28
N PRO A 480 28.99 -13.09 -3.19
CA PRO A 480 28.29 -11.97 -2.55
C PRO A 480 26.89 -11.75 -3.10
N GLU A 481 26.05 -11.11 -2.30
CA GLU A 481 24.68 -10.83 -2.70
C GLU A 481 24.53 -9.40 -3.15
N ILE A 482 23.38 -9.08 -3.72
CA ILE A 482 23.10 -7.72 -4.13
C ILE A 482 22.69 -7.04 -2.83
N GLN A 483 23.03 -5.76 -2.68
CA GLN A 483 22.70 -5.02 -1.47
C GLN A 483 22.31 -3.59 -1.79
N TYR A 484 21.39 -3.02 -1.03
CA TYR A 484 21.04 -1.63 -1.27
C TYR A 484 22.21 -0.83 -0.71
N THR A 485 22.73 0.10 -1.50
CA THR A 485 23.85 0.91 -1.05
C THR A 485 23.71 2.39 -1.42
N SER A 486 24.35 3.25 -0.62
CA SER A 486 24.33 4.68 -0.89
C SER A 486 25.27 4.86 -2.09
N ASN A 487 25.11 5.95 -2.82
CA ASN A 487 25.98 6.22 -3.96
C ASN A 487 27.35 6.57 -3.40
N TYR A 488 28.39 6.28 -4.17
CA TYR A 488 29.76 6.52 -3.75
C TYR A 488 30.33 7.89 -4.07
N TYR A 489 30.10 8.35 -5.31
CA TYR A 489 30.68 9.61 -5.75
C TYR A 489 29.95 10.86 -5.31
N LYS A 490 30.68 11.98 -5.38
CA LYS A 490 30.15 13.27 -4.97
C LYS A 490 28.79 13.62 -5.55
N SER A 491 28.07 14.39 -4.76
CA SER A 491 26.72 14.82 -5.10
C SER A 491 26.39 16.15 -4.44
N THR A 492 25.46 16.89 -5.05
CA THR A 492 25.04 18.18 -4.56
C THR A 492 24.47 18.15 -3.16
N SER A 493 23.77 17.06 -2.85
CA SER A 493 23.16 16.90 -1.54
C SER A 493 23.31 15.45 -1.12
N VAL A 494 22.81 15.13 0.07
CA VAL A 494 22.87 13.77 0.59
C VAL A 494 21.49 13.12 0.40
N ASP A 495 21.48 11.92 -0.15
CA ASP A 495 20.22 11.20 -0.37
C ASP A 495 19.57 10.89 0.98
N PHE A 496 18.28 11.20 1.09
CA PHE A 496 17.53 10.98 2.34
C PHE A 496 18.04 11.91 3.44
N ALA A 497 18.01 13.20 3.13
CA ALA A 497 18.45 14.22 4.06
C ALA A 497 17.70 15.49 3.67
N VAL A 498 17.99 16.58 4.36
CA VAL A 498 17.33 17.83 4.05
C VAL A 498 18.06 18.72 3.04
N ASN A 499 17.29 19.67 2.58
CA ASN A 499 17.62 20.75 1.66
C ASN A 499 18.33 21.87 2.34
N THR A 500 18.83 22.79 1.51
CA THR A 500 19.41 24.00 2.00
C THR A 500 18.26 24.80 2.55
N GLU A 501 17.06 24.35 2.21
CA GLU A 501 15.81 24.98 2.62
C GLU A 501 15.15 24.23 3.78
N GLY A 502 15.79 23.14 4.21
CA GLY A 502 15.23 22.36 5.31
C GLY A 502 14.15 21.39 4.91
N VAL A 503 14.08 21.05 3.62
CA VAL A 503 13.07 20.11 3.15
C VAL A 503 13.65 18.72 3.05
N TYR A 504 13.00 17.76 3.70
CA TYR A 504 13.45 16.38 3.65
C TYR A 504 12.89 15.75 2.39
N SER A 505 13.61 14.82 1.80
CA SER A 505 13.11 14.16 0.59
C SER A 505 13.61 12.73 0.45
N GLU A 506 12.79 11.89 -0.18
CA GLU A 506 13.13 10.50 -0.42
C GLU A 506 13.37 10.42 -1.92
N PRO A 507 14.66 10.42 -2.32
CA PRO A 507 15.12 10.37 -3.71
C PRO A 507 14.62 9.20 -4.54
N ARG A 508 14.38 8.06 -3.90
CA ARG A 508 13.95 6.89 -4.65
C ARG A 508 13.12 5.94 -3.81
N PRO A 509 12.44 5.00 -4.46
CA PRO A 509 11.64 4.04 -3.70
C PRO A 509 12.62 2.96 -3.29
N ILE A 510 12.53 2.44 -2.07
CA ILE A 510 13.44 1.38 -1.68
C ILE A 510 12.63 0.16 -1.35
N GLY A 511 12.88 -0.89 -2.12
CA GLY A 511 12.18 -2.13 -1.94
C GLY A 511 12.72 -2.93 -0.78
N THR A 512 12.52 -4.24 -0.85
CA THR A 512 12.92 -5.09 0.24
C THR A 512 13.66 -6.35 -0.21
N ARG A 513 13.66 -6.62 -1.51
CA ARG A 513 14.25 -7.85 -2.02
C ARG A 513 15.67 -7.84 -2.58
N TYR A 514 16.65 -7.86 -1.68
CA TYR A 514 18.05 -7.87 -2.08
C TYR A 514 18.71 -9.22 -1.91
N LEU A 515 18.52 -9.84 -0.76
CA LEU A 515 19.10 -11.15 -0.52
C LEU A 515 18.36 -12.14 -1.41
N THR A 516 18.98 -13.27 -1.71
CA THR A 516 18.32 -14.25 -2.56
C THR A 516 18.05 -15.56 -1.85
N ARG A 517 17.16 -16.33 -2.43
CA ARG A 517 16.77 -17.59 -1.85
C ARG A 517 16.42 -18.55 -2.99
N ASN A 518 16.73 -19.83 -2.82
CA ASN A 518 16.41 -20.84 -3.83
C ASN A 518 14.90 -21.05 -3.79
N LEU A 519 14.38 -21.73 -4.81
CA LEU A 519 12.96 -22.02 -4.83
C LEU A 519 12.70 -23.29 -4.01
NA NA B . 21.12 6.40 -0.27
#